data_8ABR
#
_entry.id   8ABR
#
_cell.length_a   78.665
_cell.length_b   78.665
_cell.length_c   188.019
_cell.angle_alpha   90.000
_cell.angle_beta   90.000
_cell.angle_gamma   90.000
#
_symmetry.space_group_name_H-M   'P 43 21 2'
#
loop_
_entity.id
_entity.type
_entity.pdbx_description
1 polymer 'Cytochrome P450'
2 non-polymer 'HEME B/C'
3 non-polymer 'HEXANOIC ACID'
4 non-polymer 'OCTANOIC ACID (CAPRYLIC ACID)'
5 non-polymer 'SULFATE ION'
6 water water
#
_entity_poly.entity_id   1
_entity_poly.type   'polypeptide(L)'
_entity_poly.pdbx_seq_one_letter_code
;MNPKAVKRENRYANLIPMQEIKSVEQQLYPFDIYNSLRQEAPIRYDESRNCWDVFDYETVKYILKNPSLFSSKRAMEERQ
ESILMMDPPKHTKLRNLVNKAFTPRAIQHLEGHIEEIADYLLDEVSSKEKFDIVEDFAGPLPIIVIAELLGVPIQDRALF
KKYSDDLVSGAENNSDEAFAKMMQKRNEGVIFLQGYFKEIIAERQQNKQEDLISLLLEAEIDGEHLTEEEVLGFCILLLV
AGNETTTNLITNGVRYMTEDVDVQNEVRRDISLVPNLVEETLRYYPPIQAIGRIAAEDVELGECKIKRGQQVISWAASAN
RDSAKFEWPDTFVVHRKTNPHVSFGFGIHFCLGAPLARMEGKIAFTKLLEKGGFSKVQNQSLKPIDSPFVFGVKKYEIAF
NNAHHHHHH
;
_entity_poly.pdbx_strand_id   A
#
loop_
_chem_comp.id
_chem_comp.type
_chem_comp.name
_chem_comp.formula
6NA non-polymer 'HEXANOIC ACID' 'C6 H12 O2'
HEB non-polymer 'HEME B/C' 'C34 H34 Fe N4 O4'
OCA non-polymer 'OCTANOIC ACID (CAPRYLIC ACID)' 'C8 H16 O2'
SO4 non-polymer 'SULFATE ION' 'O4 S -2'
#
# COMPACT_ATOMS: atom_id res chain seq x y z
N GLU A 9 -18.26 -18.60 -5.35
CA GLU A 9 -18.97 -17.79 -4.38
C GLU A 9 -18.83 -16.31 -4.76
N ASN A 10 -19.28 -15.44 -3.86
CA ASN A 10 -19.25 -13.99 -4.08
C ASN A 10 -18.05 -13.39 -3.35
N ARG A 11 -16.88 -13.65 -3.90
CA ARG A 11 -15.60 -13.38 -3.25
C ARG A 11 -14.92 -12.19 -3.90
N TYR A 12 -14.12 -11.48 -3.10
CA TYR A 12 -13.40 -10.31 -3.57
C TYR A 12 -12.31 -10.73 -4.55
N ALA A 13 -12.44 -10.30 -5.80
CA ALA A 13 -11.50 -10.74 -6.84
C ALA A 13 -10.10 -10.18 -6.66
N ASN A 14 -9.94 -9.08 -5.92
CA ASN A 14 -8.63 -8.47 -5.73
C ASN A 14 -7.74 -9.31 -4.83
N LEU A 15 -8.29 -10.32 -4.16
CA LEU A 15 -7.53 -11.24 -3.34
C LEU A 15 -7.15 -12.52 -4.08
N ILE A 16 -7.65 -12.73 -5.28
CA ILE A 16 -7.49 -13.97 -6.03
C ILE A 16 -6.58 -13.71 -7.22
N PRO A 17 -5.47 -14.44 -7.36
CA PRO A 17 -4.54 -14.13 -8.46
C PRO A 17 -5.15 -14.44 -9.83
N MET A 18 -4.75 -13.63 -10.80
CA MET A 18 -5.02 -13.92 -12.20
C MET A 18 -4.40 -15.27 -12.57
N GLN A 19 -5.03 -15.96 -13.52
CA GLN A 19 -4.43 -17.20 -14.02
C GLN A 19 -3.18 -16.92 -14.84
N GLU A 20 -3.08 -15.72 -15.41
CA GLU A 20 -1.90 -15.39 -16.21
C GLU A 20 -0.62 -15.30 -15.37
N ILE A 21 -0.71 -15.31 -14.05
CA ILE A 21 0.45 -15.24 -13.18
C ILE A 21 0.65 -16.61 -12.55
N LYS A 22 1.69 -17.32 -12.98
CA LYS A 22 1.88 -18.72 -12.62
C LYS A 22 3.11 -18.89 -11.72
N SER A 23 4.31 -18.63 -12.24
CA SER A 23 5.53 -18.97 -11.51
C SER A 23 5.83 -17.94 -10.43
N VAL A 24 6.86 -18.23 -9.64
CA VAL A 24 7.34 -17.28 -8.64
C VAL A 24 8.03 -16.11 -9.32
N GLU A 25 8.85 -16.39 -10.34
CA GLU A 25 9.49 -15.33 -11.12
C GLU A 25 8.46 -14.33 -11.62
N GLN A 26 7.30 -14.81 -12.05
CA GLN A 26 6.27 -13.93 -12.59
C GLN A 26 5.67 -13.06 -11.49
N GLN A 27 5.46 -13.64 -10.31
CA GLN A 27 5.00 -12.86 -9.17
C GLN A 27 6.00 -11.78 -8.80
N LEU A 28 7.31 -12.06 -8.98
CA LEU A 28 8.34 -11.09 -8.61
C LEU A 28 8.48 -10.00 -9.66
N TYR A 29 7.95 -10.23 -10.87
CA TYR A 29 7.97 -9.25 -11.95
C TYR A 29 6.82 -9.55 -12.90
N PRO A 30 5.60 -9.11 -12.55
CA PRO A 30 4.44 -9.41 -13.39
C PRO A 30 4.16 -8.40 -14.49
N PHE A 31 5.02 -7.39 -14.66
CA PHE A 31 4.68 -6.22 -15.45
C PHE A 31 4.70 -6.50 -16.95
N ASP A 32 5.54 -7.44 -17.42
CA ASP A 32 5.48 -7.82 -18.82
C ASP A 32 4.15 -8.47 -19.15
N ILE A 33 3.65 -9.31 -18.24
CA ILE A 33 2.34 -9.94 -18.43
C ILE A 33 1.23 -8.89 -18.44
N TYR A 34 1.29 -7.91 -17.54
CA TYR A 34 0.25 -6.89 -17.53
C TYR A 34 0.26 -6.08 -18.82
N ASN A 35 1.46 -5.80 -19.36
CA ASN A 35 1.53 -5.04 -20.61
C ASN A 35 0.97 -5.85 -21.77
N SER A 36 1.27 -7.14 -21.84
CA SER A 36 0.67 -7.98 -22.88
C SER A 36 -0.85 -7.97 -22.75
N LEU A 37 -1.37 -8.16 -21.53
CA LEU A 37 -2.82 -8.15 -21.33
C LEU A 37 -3.42 -6.80 -21.73
N ARG A 38 -2.75 -5.70 -21.37
CA ARG A 38 -3.25 -4.38 -21.75
C ARG A 38 -3.39 -4.26 -23.27
N GLN A 39 -2.36 -4.69 -24.00
CA GLN A 39 -2.40 -4.62 -25.46
C GLN A 39 -3.46 -5.54 -26.03
N GLU A 40 -3.53 -6.78 -25.56
CA GLU A 40 -4.50 -7.73 -26.09
C GLU A 40 -5.92 -7.20 -25.91
N ALA A 41 -6.27 -6.79 -24.68
CA ALA A 41 -7.57 -6.20 -24.39
C ALA A 41 -7.47 -5.37 -23.10
N PRO A 42 -7.42 -4.04 -23.19
CA PRO A 42 -7.25 -3.23 -21.97
C PRO A 42 -8.38 -3.42 -20.96
N ILE A 43 -9.55 -3.91 -21.38
CA ILE A 43 -10.64 -4.26 -20.49
C ILE A 43 -11.11 -5.66 -20.85
N ARG A 44 -11.16 -6.55 -19.87
CA ARG A 44 -11.58 -7.92 -20.12
C ARG A 44 -12.29 -8.45 -18.88
N TYR A 45 -13.28 -9.31 -19.11
CA TYR A 45 -13.92 -10.03 -18.01
C TYR A 45 -13.15 -11.33 -17.76
N ASP A 46 -12.82 -11.58 -16.50
CA ASP A 46 -12.12 -12.79 -16.08
C ASP A 46 -13.13 -13.70 -15.39
N GLU A 47 -13.47 -14.81 -16.06
CA GLU A 47 -14.44 -15.74 -15.51
C GLU A 47 -13.89 -16.51 -14.32
N SER A 48 -12.56 -16.65 -14.21
CA SER A 48 -11.99 -17.33 -13.07
C SER A 48 -12.15 -16.53 -11.78
N ARG A 49 -12.38 -15.22 -11.88
CA ARG A 49 -12.50 -14.35 -10.71
C ARG A 49 -13.77 -13.50 -10.73
N ASN A 50 -14.64 -13.67 -11.72
CA ASN A 50 -15.94 -12.99 -11.76
C ASN A 50 -15.79 -11.48 -11.61
N CYS A 51 -14.90 -10.91 -12.41
CA CYS A 51 -14.62 -9.50 -12.36
C CYS A 51 -14.09 -9.02 -13.70
N TRP A 52 -14.20 -7.72 -13.92
CA TRP A 52 -13.49 -7.05 -15.00
C TRP A 52 -12.10 -6.62 -14.49
N ASP A 53 -11.11 -6.75 -15.37
CA ASP A 53 -9.79 -6.14 -15.16
C ASP A 53 -9.67 -4.97 -16.12
N VAL A 54 -9.18 -3.84 -15.61
CA VAL A 54 -8.96 -2.63 -16.41
C VAL A 54 -7.47 -2.32 -16.35
N PHE A 55 -6.83 -2.24 -17.51
CA PHE A 55 -5.36 -2.14 -17.57
C PHE A 55 -4.86 -0.80 -18.09
N ASP A 56 -5.66 -0.07 -18.85
CA ASP A 56 -5.17 1.15 -19.47
C ASP A 56 -5.30 2.34 -18.52
N TYR A 57 -4.38 3.29 -18.68
CA TYR A 57 -4.30 4.41 -17.73
C TYR A 57 -5.58 5.26 -17.77
N GLU A 58 -6.06 5.57 -18.96
CA GLU A 58 -7.19 6.46 -19.07
C GLU A 58 -8.42 5.89 -18.37
N THR A 59 -8.66 4.58 -18.49
CA THR A 59 -9.88 4.03 -17.93
C THR A 59 -9.75 3.82 -16.43
N VAL A 60 -8.58 3.41 -15.95
CA VAL A 60 -8.35 3.32 -14.52
C VAL A 60 -8.69 4.64 -13.85
N LYS A 61 -8.11 5.73 -14.36
CA LYS A 61 -8.34 7.05 -13.79
C LYS A 61 -9.82 7.41 -13.84
N TYR A 62 -10.49 7.05 -14.94
CA TYR A 62 -11.92 7.32 -15.08
C TYR A 62 -12.73 6.57 -14.03
N ILE A 63 -12.34 5.33 -13.72
CA ILE A 63 -13.05 4.56 -12.70
C ILE A 63 -12.88 5.23 -11.35
N LEU A 64 -11.62 5.54 -10.98
CA LEU A 64 -11.34 6.17 -9.69
C LEU A 64 -11.98 7.55 -9.57
N LYS A 65 -12.13 8.28 -10.67
CA LYS A 65 -12.71 9.61 -10.63
C LYS A 65 -14.24 9.61 -10.53
N ASN A 66 -14.91 8.48 -10.67
CA ASN A 66 -16.37 8.45 -10.76
C ASN A 66 -16.93 7.56 -9.66
N PRO A 67 -16.81 8.00 -8.40
CA PRO A 67 -17.35 7.20 -7.28
C PRO A 67 -18.85 6.93 -7.43
N SER A 68 -19.60 7.84 -8.04
CA SER A 68 -21.03 7.60 -8.23
C SER A 68 -21.27 6.42 -9.17
N LEU A 69 -20.32 6.12 -10.05
CA LEU A 69 -20.46 5.00 -10.97
C LEU A 69 -19.77 3.73 -10.47
N PHE A 70 -18.64 3.87 -9.77
CA PHE A 70 -17.89 2.73 -9.27
C PHE A 70 -17.69 2.88 -7.77
N SER A 71 -18.44 2.09 -7.02
CA SER A 71 -18.53 2.21 -5.58
C SER A 71 -17.37 1.50 -4.89
N SER A 72 -16.94 2.08 -3.77
CA SER A 72 -15.89 1.53 -2.92
C SER A 72 -16.44 0.55 -1.88
N LYS A 73 -17.74 0.32 -1.87
CA LYS A 73 -18.37 -0.59 -0.89
C LYS A 73 -18.15 -2.02 -1.36
N ARG A 74 -16.96 -2.55 -1.03
CA ARG A 74 -16.52 -3.85 -1.52
C ARG A 74 -16.09 -4.76 -0.38
N ALA A 75 -16.50 -4.45 0.86
CA ALA A 75 -16.18 -5.33 1.98
C ALA A 75 -16.80 -6.70 1.75
N MET A 76 -15.98 -7.74 1.92
CA MET A 76 -16.37 -9.13 1.66
C MET A 76 -17.15 -9.70 2.85
N GLU A 77 -18.29 -9.08 3.14
CA GLU A 77 -18.98 -9.27 4.41
C GLU A 77 -17.93 -9.22 5.52
N GLU A 78 -16.90 -8.40 5.33
CA GLU A 78 -15.75 -8.34 6.23
C GLU A 78 -15.84 -7.12 7.14
N ARG A 79 -15.02 -7.14 8.19
CA ARG A 79 -15.09 -6.18 9.29
C ARG A 79 -14.23 -4.96 8.97
N GLN A 80 -14.75 -4.13 8.05
CA GLN A 80 -14.02 -2.98 7.52
C GLN A 80 -14.96 -1.78 7.40
N GLU A 81 -15.30 -1.20 8.56
CA GLU A 81 -16.11 0.01 8.64
C GLU A 81 -15.20 1.24 8.65
N SER A 82 -14.39 1.33 7.60
CA SER A 82 -13.43 2.41 7.43
C SER A 82 -13.74 3.19 6.16
N ILE A 83 -13.18 4.39 6.07
CA ILE A 83 -13.45 5.26 4.93
C ILE A 83 -13.03 4.60 3.62
N LEU A 84 -12.06 3.70 3.65
CA LEU A 84 -11.65 3.00 2.44
C LEU A 84 -12.83 2.34 1.75
N MET A 85 -13.79 1.83 2.53
CA MET A 85 -14.92 1.06 2.02
C MET A 85 -16.21 1.85 2.02
N MET A 86 -16.13 3.17 2.12
CA MET A 86 -17.30 4.03 2.18
C MET A 86 -17.44 4.89 0.92
N ASP A 87 -18.67 5.24 0.61
CA ASP A 87 -18.99 6.17 -0.45
C ASP A 87 -19.45 7.50 0.12
N PRO A 88 -19.39 8.59 -0.65
CA PRO A 88 -20.07 9.81 -0.23
C PRO A 88 -21.53 9.55 0.04
N PRO A 89 -22.15 10.26 0.98
CA PRO A 89 -21.58 11.34 1.79
C PRO A 89 -20.89 10.88 3.06
N LYS A 90 -21.08 9.63 3.50
CA LYS A 90 -20.45 9.21 4.75
C LYS A 90 -18.93 9.28 4.64
N HIS A 91 -18.38 8.83 3.52
CA HIS A 91 -16.93 8.91 3.33
C HIS A 91 -16.45 10.35 3.52
N THR A 92 -17.20 11.31 2.99
CA THR A 92 -16.77 12.70 3.07
C THR A 92 -16.69 13.18 4.51
N LYS A 93 -17.71 12.85 5.32
CA LYS A 93 -17.74 13.32 6.70
C LYS A 93 -16.62 12.69 7.53
N LEU A 94 -16.41 11.38 7.43
CA LEU A 94 -15.37 10.74 8.23
C LEU A 94 -13.98 11.17 7.78
N ARG A 95 -13.76 11.27 6.47
CA ARG A 95 -12.45 11.70 6.00
C ARG A 95 -12.16 13.16 6.37
N ASN A 96 -13.18 14.01 6.44
CA ASN A 96 -12.96 15.39 6.84
C ASN A 96 -12.50 15.51 8.29
N LEU A 97 -12.72 14.48 9.09
CA LEU A 97 -12.18 14.47 10.44
C LEU A 97 -10.65 14.42 10.44
N VAL A 98 -10.07 13.66 9.51
CA VAL A 98 -8.65 13.36 9.57
C VAL A 98 -7.82 14.09 8.51
N ASN A 99 -8.43 14.66 7.48
CA ASN A 99 -7.61 15.10 6.35
C ASN A 99 -6.58 16.13 6.77
N LYS A 100 -6.88 16.99 7.73
CA LYS A 100 -5.89 18.01 8.11
C LYS A 100 -4.74 17.43 8.93
N ALA A 101 -4.82 16.17 9.34
CA ALA A 101 -3.76 15.57 10.15
C ALA A 101 -2.61 15.04 9.31
N PHE A 102 -2.78 14.92 7.99
CA PHE A 102 -1.83 14.23 7.12
C PHE A 102 -1.34 15.11 5.98
N THR A 103 -1.54 16.41 6.07
CA THR A 103 -1.04 17.30 5.04
C THR A 103 0.48 17.46 5.16
N PRO A 104 1.15 17.84 4.08
CA PRO A 104 2.58 18.21 4.21
C PRO A 104 2.87 19.13 5.40
N ARG A 105 2.05 20.16 5.59
CA ARG A 105 2.30 21.07 6.72
C ARG A 105 2.14 20.37 8.07
N ALA A 106 1.16 19.46 8.20
CA ALA A 106 0.92 18.85 9.49
C ALA A 106 2.08 17.94 9.90
N ILE A 107 2.79 17.38 8.93
CA ILE A 107 3.79 16.36 9.25
C ILE A 107 5.22 16.87 9.24
N GLN A 108 5.45 18.10 8.77
CA GLN A 108 6.80 18.58 8.61
C GLN A 108 7.61 18.44 9.90
N HIS A 109 6.96 18.62 11.05
CA HIS A 109 7.65 18.56 12.33
C HIS A 109 8.20 17.18 12.62
N LEU A 110 7.73 16.14 11.93
CA LEU A 110 8.21 14.78 12.15
C LEU A 110 9.54 14.52 11.47
N GLU A 111 9.99 15.41 10.59
CA GLU A 111 11.15 15.14 9.74
C GLU A 111 12.36 14.73 10.59
N GLY A 112 12.74 15.57 11.55
CA GLY A 112 13.89 15.26 12.37
C GLY A 112 13.74 13.95 13.10
N HIS A 113 12.55 13.68 13.61
CA HIS A 113 12.31 12.46 14.37
C HIS A 113 12.38 11.22 13.48
N ILE A 114 11.86 11.31 12.26
CA ILE A 114 11.95 10.17 11.36
C ILE A 114 13.42 9.94 10.97
N GLU A 115 14.18 11.02 10.77
CA GLU A 115 15.61 10.86 10.54
C GLU A 115 16.30 10.17 11.71
N GLU A 116 15.86 10.48 12.94
CA GLU A 116 16.44 9.84 14.12
C GLU A 116 16.11 8.35 14.17
N ILE A 117 14.88 7.98 13.83
CA ILE A 117 14.50 6.57 13.81
C ILE A 117 15.34 5.82 12.80
N ALA A 118 15.54 6.41 11.61
CA ALA A 118 16.35 5.73 10.60
C ALA A 118 17.80 5.61 11.04
N ASP A 119 18.36 6.67 11.62
CA ASP A 119 19.73 6.60 12.12
C ASP A 119 19.88 5.48 13.14
N TYR A 120 18.93 5.36 14.07
CA TYR A 120 18.99 4.32 15.10
C TYR A 120 18.93 2.94 14.49
N LEU A 121 18.06 2.74 13.49
CA LEU A 121 17.95 1.42 12.89
C LEU A 121 19.22 1.04 12.13
N LEU A 122 19.77 1.99 11.37
CA LEU A 122 21.01 1.69 10.65
C LEU A 122 22.20 1.52 11.59
N ASP A 123 22.10 1.97 12.83
CA ASP A 123 23.15 1.72 13.80
C ASP A 123 23.11 0.29 14.31
N GLU A 124 21.92 -0.31 14.40
CA GLU A 124 21.82 -1.71 14.81
C GLU A 124 22.45 -2.65 13.79
N VAL A 125 22.86 -2.16 12.61
CA VAL A 125 23.37 -3.01 11.55
C VAL A 125 24.73 -2.57 11.05
N SER A 126 25.31 -1.49 11.58
CA SER A 126 26.56 -0.98 11.04
C SER A 126 27.67 -2.03 11.11
N SER A 127 27.69 -2.83 12.18
CA SER A 127 28.68 -3.89 12.37
C SER A 127 28.14 -5.24 11.94
N LYS A 128 27.18 -5.26 11.03
CA LYS A 128 26.64 -6.50 10.46
C LYS A 128 27.04 -6.62 9.00
N GLU A 129 27.68 -7.74 8.66
CA GLU A 129 28.18 -7.94 7.30
C GLU A 129 27.03 -7.82 6.29
N LYS A 130 25.95 -8.54 6.52
CA LYS A 130 24.75 -8.49 5.69
C LYS A 130 23.54 -8.40 6.62
N PHE A 131 22.45 -7.85 6.10
CA PHE A 131 21.23 -7.76 6.89
C PHE A 131 20.02 -7.72 5.96
N ASP A 132 18.86 -8.03 6.54
CA ASP A 132 17.58 -8.05 5.84
C ASP A 132 17.03 -6.63 5.90
N ILE A 133 16.97 -5.96 4.74
CA ILE A 133 16.47 -4.60 4.75
C ILE A 133 15.04 -4.57 5.28
N VAL A 134 14.30 -5.67 5.11
CA VAL A 134 12.91 -5.71 5.55
C VAL A 134 12.83 -5.75 7.07
N GLU A 135 13.45 -6.77 7.66
CA GLU A 135 13.33 -6.95 9.10
C GLU A 135 14.03 -5.83 9.88
N ASP A 136 15.18 -5.37 9.39
CA ASP A 136 15.99 -4.42 10.15
C ASP A 136 15.75 -2.95 9.85
N PHE A 137 15.00 -2.58 8.80
CA PHE A 137 14.90 -1.17 8.45
C PHE A 137 13.52 -0.81 7.88
N ALA A 138 13.23 -1.31 6.68
CA ALA A 138 12.00 -0.94 6.00
C ALA A 138 10.74 -1.38 6.76
N GLY A 139 10.81 -2.47 7.53
CA GLY A 139 9.68 -2.92 8.32
C GLY A 139 9.46 -2.09 9.57
N PRO A 140 10.50 -2.01 10.39
CA PRO A 140 10.35 -1.27 11.66
C PRO A 140 9.98 0.20 11.48
N LEU A 141 10.63 0.90 10.56
CA LEU A 141 10.50 2.36 10.56
C LEU A 141 9.08 2.81 10.29
N PRO A 142 8.36 2.27 9.29
CA PRO A 142 6.96 2.71 9.10
C PRO A 142 6.07 2.34 10.28
N ILE A 143 6.28 1.17 10.86
CA ILE A 143 5.46 0.76 12.01
C ILE A 143 5.65 1.72 13.19
N ILE A 144 6.91 2.05 13.50
CA ILE A 144 7.20 2.98 14.59
C ILE A 144 6.51 4.32 14.35
N VAL A 145 6.54 4.79 13.12
CA VAL A 145 6.00 6.11 12.82
C VAL A 145 4.48 6.12 12.98
N ILE A 146 3.80 5.12 12.43
CA ILE A 146 2.35 5.17 12.46
C ILE A 146 1.83 4.92 13.88
N ALA A 147 2.54 4.10 14.64
CA ALA A 147 2.11 3.85 16.01
C ALA A 147 2.18 5.11 16.86
N GLU A 148 3.23 5.93 16.68
CA GLU A 148 3.33 7.20 17.39
C GLU A 148 2.23 8.15 16.94
N LEU A 149 1.91 8.18 15.65
CA LEU A 149 0.80 9.00 15.15
C LEU A 149 -0.54 8.56 15.73
N LEU A 150 -0.77 7.25 15.85
CA LEU A 150 -2.06 6.79 16.38
C LEU A 150 -2.15 7.01 17.89
N GLY A 151 -1.02 6.98 18.58
CA GLY A 151 -1.01 7.06 20.03
C GLY A 151 -1.01 5.71 20.69
N VAL A 152 -0.57 4.67 20.00
CA VAL A 152 -0.66 3.29 20.44
C VAL A 152 0.75 2.79 20.69
N PRO A 153 1.01 2.14 21.83
CA PRO A 153 2.32 1.50 22.00
C PRO A 153 2.42 0.31 21.07
N ILE A 154 3.52 0.24 20.32
CA ILE A 154 3.85 -0.99 19.61
C ILE A 154 5.31 -1.32 19.83
N GLN A 155 5.64 -1.86 21.00
CA GLN A 155 7.01 -2.22 21.30
C GLN A 155 7.37 -3.59 20.72
N ASP A 156 6.40 -4.47 20.54
CA ASP A 156 6.63 -5.74 19.85
C ASP A 156 6.29 -5.55 18.38
N ARG A 157 7.26 -4.99 17.64
CA ARG A 157 7.02 -4.66 16.24
C ARG A 157 6.77 -5.93 15.42
N ALA A 158 7.47 -7.02 15.73
CA ALA A 158 7.30 -8.24 14.94
C ALA A 158 5.88 -8.78 15.08
N LEU A 159 5.33 -8.68 16.29
CA LEU A 159 3.95 -9.15 16.52
C LEU A 159 2.94 -8.39 15.67
N PHE A 160 3.02 -7.06 15.68
CA PHE A 160 2.07 -6.27 14.92
C PHE A 160 2.29 -6.39 13.43
N LYS A 161 3.54 -6.50 12.99
CA LYS A 161 3.82 -6.78 11.59
C LYS A 161 3.14 -8.07 11.14
N LYS A 162 3.32 -9.15 11.89
CA LYS A 162 2.71 -10.43 11.53
C LYS A 162 1.22 -10.24 11.23
N TYR A 163 0.48 -9.67 12.18
CA TYR A 163 -0.97 -9.61 12.06
C TYR A 163 -1.42 -8.51 11.12
N SER A 164 -0.66 -7.42 11.02
CA SER A 164 -0.95 -6.45 9.97
C SER A 164 -0.80 -7.08 8.59
N ASP A 165 0.28 -7.85 8.39
CA ASP A 165 0.47 -8.53 7.11
C ASP A 165 -0.67 -9.50 6.83
N ASP A 166 -1.20 -10.13 7.89
CA ASP A 166 -2.31 -11.07 7.72
C ASP A 166 -3.50 -10.41 7.02
N LEU A 167 -3.77 -9.14 7.32
CA LEU A 167 -4.97 -8.49 6.84
C LEU A 167 -4.88 -8.07 5.38
N VAL A 168 -3.73 -8.30 4.75
CA VAL A 168 -3.49 -8.00 3.34
C VAL A 168 -3.29 -9.26 2.51
N SER A 169 -3.14 -10.42 3.14
CA SER A 169 -2.82 -11.63 2.41
C SER A 169 -4.00 -12.09 1.57
N GLY A 170 -3.67 -12.70 0.45
CA GLY A 170 -4.68 -13.20 -0.45
C GLY A 170 -4.66 -14.70 -0.65
N ALA A 171 -5.45 -15.20 -1.59
CA ALA A 171 -5.57 -16.62 -1.84
C ALA A 171 -4.51 -17.07 -2.83
N GLU A 172 -4.07 -18.31 -2.68
CA GLU A 172 -3.13 -18.89 -3.64
C GLU A 172 -3.75 -19.01 -5.02
N ASN A 173 -5.05 -19.28 -5.09
CA ASN A 173 -5.79 -19.44 -6.34
C ASN A 173 -7.28 -19.23 -6.03
N ASN A 174 -8.14 -19.53 -6.99
CA ASN A 174 -9.57 -19.37 -6.80
C ASN A 174 -10.25 -20.61 -6.25
N SER A 175 -9.48 -21.58 -5.73
CA SER A 175 -10.09 -22.78 -5.18
C SER A 175 -10.81 -22.46 -3.87
N ASP A 176 -11.56 -23.44 -3.38
CA ASP A 176 -12.23 -23.29 -2.09
C ASP A 176 -11.24 -23.43 -0.94
N GLU A 177 -10.28 -24.35 -1.07
CA GLU A 177 -9.31 -24.55 0.00
C GLU A 177 -8.40 -23.33 0.15
N ALA A 178 -7.97 -22.75 -0.96
CA ALA A 178 -7.12 -21.57 -0.90
C ALA A 178 -7.85 -20.41 -0.24
N PHE A 179 -9.14 -20.26 -0.52
CA PHE A 179 -9.86 -19.15 0.06
C PHE A 179 -10.07 -19.35 1.55
N ALA A 180 -10.36 -20.59 1.96
CA ALA A 180 -10.52 -20.90 3.36
C ALA A 180 -9.22 -20.68 4.13
N LYS A 181 -8.09 -21.12 3.57
CA LYS A 181 -6.80 -20.86 4.21
C LYS A 181 -6.57 -19.36 4.33
N MET A 182 -6.98 -18.59 3.32
CA MET A 182 -6.79 -17.14 3.38
C MET A 182 -7.63 -16.51 4.48
N MET A 183 -8.93 -16.87 4.55
CA MET A 183 -9.79 -16.28 5.57
C MET A 183 -9.34 -16.66 6.98
N GLN A 184 -8.78 -17.86 7.15
CA GLN A 184 -8.24 -18.26 8.45
C GLN A 184 -7.09 -17.34 8.87
N LYS A 185 -6.15 -17.08 7.95
CA LYS A 185 -5.05 -16.18 8.27
C LYS A 185 -5.55 -14.75 8.51
N ARG A 186 -6.47 -14.26 7.66
CA ARG A 186 -7.01 -12.91 7.88
C ARG A 186 -7.74 -12.84 9.21
N ASN A 187 -8.48 -13.89 9.57
CA ASN A 187 -9.25 -13.88 10.81
C ASN A 187 -8.36 -13.78 12.03
N GLU A 188 -7.16 -14.37 11.98
CA GLU A 188 -6.24 -14.28 13.10
C GLU A 188 -5.81 -12.83 13.35
N GLY A 189 -5.49 -12.11 12.28
CA GLY A 189 -5.10 -10.72 12.40
C GLY A 189 -6.24 -9.83 12.88
N VAL A 190 -7.46 -10.15 12.48
CA VAL A 190 -8.63 -9.43 12.98
C VAL A 190 -8.78 -9.64 14.48
N ILE A 191 -8.66 -10.89 14.94
CA ILE A 191 -8.85 -11.16 16.36
C ILE A 191 -7.86 -10.33 17.18
N PHE A 192 -6.57 -10.41 16.85
CA PHE A 192 -5.62 -9.73 17.70
C PHE A 192 -5.72 -8.21 17.56
N LEU A 193 -5.81 -7.72 16.32
CA LEU A 193 -5.76 -6.28 16.10
C LEU A 193 -7.04 -5.60 16.57
N GLN A 194 -8.21 -6.21 16.29
CA GLN A 194 -9.45 -5.62 16.80
C GLN A 194 -9.42 -5.60 18.31
N GLY A 195 -8.98 -6.72 18.90
CA GLY A 195 -8.90 -6.80 20.35
C GLY A 195 -7.98 -5.75 20.93
N TYR A 196 -6.79 -5.62 20.34
CA TYR A 196 -5.82 -4.68 20.88
C TYR A 196 -6.37 -3.27 20.84
N PHE A 197 -6.96 -2.89 19.72
CA PHE A 197 -7.50 -1.54 19.61
C PHE A 197 -8.75 -1.33 20.46
N LYS A 198 -9.59 -2.36 20.62
CA LYS A 198 -10.70 -2.23 21.55
C LYS A 198 -10.19 -1.89 22.94
N GLU A 199 -9.10 -2.52 23.36
CA GLU A 199 -8.55 -2.23 24.68
C GLU A 199 -7.96 -0.82 24.76
N ILE A 200 -7.21 -0.40 23.74
CA ILE A 200 -6.66 0.95 23.74
C ILE A 200 -7.78 1.98 23.70
N ILE A 201 -8.82 1.71 22.90
CA ILE A 201 -9.95 2.64 22.84
C ILE A 201 -10.60 2.79 24.21
N ALA A 202 -10.82 1.68 24.91
CA ALA A 202 -11.39 1.78 26.24
C ALA A 202 -10.46 2.54 27.16
N GLU A 203 -9.14 2.32 27.02
CA GLU A 203 -8.20 3.08 27.85
C GLU A 203 -8.29 4.57 27.56
N ARG A 204 -8.43 4.95 26.29
CA ARG A 204 -8.54 6.36 25.95
C ARG A 204 -9.90 6.94 26.34
N GLN A 205 -10.97 6.13 26.28
CA GLN A 205 -12.27 6.62 26.72
C GLN A 205 -12.21 7.00 28.20
N GLN A 206 -11.48 6.23 28.99
CA GLN A 206 -11.39 6.48 30.43
C GLN A 206 -10.46 7.66 30.73
N ASN A 207 -9.35 7.79 30.01
CA ASN A 207 -8.44 8.93 30.17
C ASN A 207 -7.91 9.33 28.80
N LYS A 208 -8.32 10.50 28.33
CA LYS A 208 -7.91 10.99 27.02
C LYS A 208 -6.42 11.32 27.02
N GLN A 209 -5.83 11.27 25.83
CA GLN A 209 -4.45 11.64 25.60
C GLN A 209 -4.40 12.61 24.43
N GLU A 210 -3.20 13.13 24.15
CA GLU A 210 -2.98 13.96 22.97
C GLU A 210 -2.54 13.07 21.80
N ASP A 211 -3.52 12.33 21.27
CA ASP A 211 -3.25 11.43 20.16
C ASP A 211 -4.49 11.31 19.28
N LEU A 212 -4.28 10.70 18.11
CA LEU A 212 -5.36 10.57 17.13
C LEU A 212 -6.56 9.83 17.71
N ILE A 213 -6.33 8.69 18.37
CA ILE A 213 -7.46 7.91 18.86
C ILE A 213 -8.34 8.74 19.77
N SER A 214 -7.72 9.51 20.68
CA SER A 214 -8.50 10.37 21.57
C SER A 214 -9.27 11.42 20.77
N LEU A 215 -8.66 11.99 19.73
CA LEU A 215 -9.38 12.95 18.92
C LEU A 215 -10.61 12.30 18.28
N LEU A 216 -10.46 11.07 17.80
CA LEU A 216 -11.59 10.41 17.15
C LEU A 216 -12.73 10.12 18.12
N LEU A 217 -12.43 9.92 19.40
CA LEU A 217 -13.47 9.70 20.41
C LEU A 217 -14.15 10.99 20.85
N GLU A 218 -13.50 12.14 20.68
CA GLU A 218 -14.13 13.41 21.00
C GLU A 218 -14.90 13.99 19.81
N ALA A 219 -14.52 13.63 18.59
CA ALA A 219 -15.13 14.22 17.42
C ALA A 219 -16.60 13.84 17.32
N GLU A 220 -17.41 14.77 16.81
CA GLU A 220 -18.83 14.57 16.59
C GLU A 220 -19.19 14.75 15.12
N ILE A 221 -19.99 13.82 14.60
CA ILE A 221 -20.54 13.87 13.26
C ILE A 221 -22.06 13.81 13.39
N ASP A 222 -22.76 14.75 12.75
CA ASP A 222 -24.22 14.79 12.80
C ASP A 222 -24.73 14.72 14.25
N GLY A 223 -24.03 15.40 15.15
CA GLY A 223 -24.49 15.50 16.52
C GLY A 223 -24.26 14.27 17.36
N GLU A 224 -23.35 13.38 16.97
CA GLU A 224 -23.14 12.14 17.71
C GLU A 224 -21.69 11.70 17.61
N HIS A 225 -21.23 11.02 18.65
CA HIS A 225 -19.90 10.46 18.62
C HIS A 225 -19.81 9.33 17.59
N LEU A 226 -18.59 9.01 17.19
CA LEU A 226 -18.36 7.89 16.31
C LEU A 226 -18.69 6.59 17.04
N THR A 227 -19.28 5.63 16.31
CA THR A 227 -19.48 4.31 16.87
C THR A 227 -18.12 3.67 17.15
N GLU A 228 -18.11 2.70 18.07
CA GLU A 228 -16.86 1.99 18.34
C GLU A 228 -16.31 1.34 17.08
N GLU A 229 -17.20 0.77 16.25
CA GLU A 229 -16.78 0.16 14.99
C GLU A 229 -16.08 1.18 14.09
N GLU A 230 -16.55 2.43 14.09
CA GLU A 230 -15.98 3.44 13.22
C GLU A 230 -14.59 3.86 13.70
N VAL A 231 -14.43 4.06 15.01
CA VAL A 231 -13.09 4.37 15.51
C VAL A 231 -12.16 3.19 15.25
N LEU A 232 -12.65 1.97 15.48
CA LEU A 232 -11.86 0.78 15.18
C LEU A 232 -11.48 0.71 13.70
N GLY A 233 -12.41 1.08 12.81
CA GLY A 233 -12.09 1.04 11.39
C GLY A 233 -10.98 2.00 11.04
N PHE A 234 -11.04 3.22 11.58
CA PHE A 234 -9.92 4.15 11.43
C PHE A 234 -8.62 3.55 11.96
N CYS A 235 -8.66 2.95 13.16
CA CYS A 235 -7.42 2.52 13.80
C CYS A 235 -6.72 1.46 12.96
N ILE A 236 -7.48 0.44 12.52
CA ILE A 236 -6.87 -0.66 11.78
C ILE A 236 -6.44 -0.20 10.39
N LEU A 237 -7.30 0.54 9.70
CA LEU A 237 -6.93 0.98 8.36
C LEU A 237 -5.66 1.81 8.42
N LEU A 238 -5.60 2.78 9.35
CA LEU A 238 -4.42 3.62 9.45
C LEU A 238 -3.19 2.80 9.81
N LEU A 239 -3.34 1.82 10.71
CA LEU A 239 -2.20 0.99 11.05
C LEU A 239 -1.69 0.22 9.85
N VAL A 240 -2.58 -0.55 9.20
CA VAL A 240 -2.17 -1.45 8.13
C VAL A 240 -1.67 -0.65 6.93
N ALA A 241 -2.47 0.31 6.46
CA ALA A 241 -2.05 1.14 5.34
C ALA A 241 -0.76 1.87 5.67
N GLY A 242 -0.65 2.40 6.88
CA GLY A 242 0.54 3.16 7.22
C GLY A 242 1.87 2.41 7.18
N ASN A 243 1.85 1.10 7.37
CA ASN A 243 3.13 0.37 7.46
C ASN A 243 3.35 -0.66 6.36
N GLU A 244 2.31 -1.34 5.89
CA GLU A 244 2.58 -2.46 4.97
C GLU A 244 3.01 -1.93 3.60
N THR A 245 2.38 -0.86 3.16
CA THR A 245 2.74 -0.26 1.88
C THR A 245 4.09 0.43 1.96
N THR A 246 4.32 1.23 3.00
CA THR A 246 5.55 2.00 3.09
C THR A 246 6.75 1.07 3.17
N THR A 247 6.58 -0.07 3.83
CA THR A 247 7.68 -1.01 3.92
C THR A 247 8.05 -1.53 2.54
N ASN A 248 7.04 -1.76 1.71
CA ASN A 248 7.30 -2.24 0.36
C ASN A 248 7.86 -1.13 -0.52
N LEU A 249 7.45 0.12 -0.31
CA LEU A 249 8.09 1.22 -1.02
C LEU A 249 9.59 1.20 -0.78
N ILE A 250 10.01 1.12 0.48
CA ILE A 250 11.42 1.20 0.81
C ILE A 250 12.16 -0.02 0.29
N THR A 251 11.62 -1.21 0.56
CA THR A 251 12.24 -2.44 0.10
C THR A 251 12.34 -2.48 -1.42
N ASN A 252 11.26 -2.12 -2.12
CA ASN A 252 11.28 -2.16 -3.58
C ASN A 252 12.26 -1.15 -4.14
N GLY A 253 12.33 0.04 -3.54
CA GLY A 253 13.37 0.98 -3.95
C GLY A 253 14.78 0.45 -3.75
N VAL A 254 15.03 -0.22 -2.64
CA VAL A 254 16.35 -0.81 -2.41
C VAL A 254 16.58 -1.99 -3.34
N ARG A 255 15.55 -2.79 -3.58
CA ARG A 255 15.64 -3.79 -4.65
C ARG A 255 16.09 -3.15 -5.96
N TYR A 256 15.34 -2.17 -6.46
CA TYR A 256 15.73 -1.65 -7.77
C TYR A 256 17.15 -1.06 -7.74
N MET A 257 17.51 -0.38 -6.64
CA MET A 257 18.83 0.26 -6.56
C MET A 257 19.97 -0.76 -6.47
N THR A 258 19.69 -2.02 -6.11
CA THR A 258 20.73 -3.04 -6.13
C THR A 258 20.64 -3.94 -7.36
N GLU A 259 19.54 -3.83 -8.12
CA GLU A 259 19.44 -4.46 -9.43
C GLU A 259 20.06 -3.58 -10.50
N ASP A 260 20.05 -2.26 -10.31
CA ASP A 260 20.55 -1.28 -11.27
C ASP A 260 21.38 -0.32 -10.43
N VAL A 261 22.66 -0.65 -10.22
CA VAL A 261 23.50 0.15 -9.35
C VAL A 261 23.84 1.50 -9.96
N ASP A 262 23.66 1.67 -11.27
CA ASP A 262 23.84 2.99 -11.89
C ASP A 262 22.93 4.02 -11.25
N VAL A 263 21.66 3.67 -11.05
CA VAL A 263 20.70 4.59 -10.42
C VAL A 263 21.10 4.86 -8.98
N GLN A 264 21.51 3.82 -8.25
CA GLN A 264 21.94 4.00 -6.87
C GLN A 264 23.05 5.03 -6.80
N ASN A 265 24.08 4.85 -7.64
CA ASN A 265 25.22 5.76 -7.63
C ASN A 265 24.79 7.18 -8.01
N GLU A 266 24.01 7.32 -9.09
CA GLU A 266 23.59 8.65 -9.52
C GLU A 266 22.89 9.41 -8.39
N VAL A 267 21.95 8.76 -7.69
CA VAL A 267 21.17 9.47 -6.68
C VAL A 267 22.04 9.75 -5.46
N ARG A 268 22.88 8.79 -5.08
CA ARG A 268 23.79 9.05 -3.97
C ARG A 268 24.65 10.27 -4.25
N ARG A 269 25.02 10.48 -5.51
CA ARG A 269 25.90 11.57 -5.91
C ARG A 269 25.17 12.88 -6.16
N ASP A 270 23.83 12.84 -6.21
CA ASP A 270 22.99 14.02 -6.37
C ASP A 270 21.74 13.71 -5.54
N ILE A 271 21.83 13.97 -4.23
CA ILE A 271 20.74 13.59 -3.31
C ILE A 271 19.47 14.38 -3.52
N SER A 272 19.51 15.48 -4.27
CA SER A 272 18.26 16.17 -4.59
C SER A 272 17.36 15.34 -5.50
N LEU A 273 17.86 14.21 -6.01
CA LEU A 273 17.06 13.32 -6.85
C LEU A 273 16.25 12.31 -6.02
N VAL A 274 16.36 12.30 -4.69
CA VAL A 274 15.64 11.29 -3.91
C VAL A 274 14.13 11.42 -4.11
N PRO A 275 13.54 12.62 -4.10
CA PRO A 275 12.08 12.69 -4.36
C PRO A 275 11.67 12.06 -5.68
N ASN A 276 12.41 12.31 -6.78
CA ASN A 276 12.10 11.63 -8.05
C ASN A 276 12.24 10.13 -7.90
N LEU A 277 13.25 9.68 -7.16
CA LEU A 277 13.45 8.25 -6.96
C LEU A 277 12.28 7.63 -6.22
N VAL A 278 11.74 8.35 -5.23
CA VAL A 278 10.58 7.85 -4.52
C VAL A 278 9.41 7.69 -5.47
N GLU A 279 9.15 8.72 -6.28
CA GLU A 279 8.04 8.65 -7.21
C GLU A 279 8.25 7.54 -8.24
N GLU A 280 9.50 7.34 -8.69
CA GLU A 280 9.70 6.35 -9.74
C GLU A 280 9.65 4.94 -9.20
N THR A 281 10.03 4.74 -7.94
CA THR A 281 9.79 3.45 -7.29
C THR A 281 8.29 3.16 -7.20
N LEU A 282 7.50 4.15 -6.79
CA LEU A 282 6.05 3.97 -6.73
C LEU A 282 5.47 3.64 -8.10
N ARG A 283 5.95 4.28 -9.16
CA ARG A 283 5.42 4.01 -10.51
C ARG A 283 5.83 2.63 -10.99
N TYR A 284 7.11 2.30 -10.85
CA TYR A 284 7.74 1.12 -11.44
C TYR A 284 7.55 -0.13 -10.57
N TYR A 285 7.55 0.01 -9.25
CA TYR A 285 7.37 -1.13 -8.34
C TYR A 285 6.26 -0.80 -7.35
N PRO A 286 5.06 -0.56 -7.83
CA PRO A 286 3.99 -0.02 -6.94
C PRO A 286 3.70 -0.96 -5.78
N PRO A 287 3.81 -0.49 -4.54
CA PRO A 287 3.38 -1.34 -3.42
C PRO A 287 1.98 -1.90 -3.57
N ILE A 288 1.04 -1.11 -4.07
CA ILE A 288 -0.33 -1.55 -4.34
C ILE A 288 -0.47 -1.66 -5.85
N GLN A 289 -0.84 -2.85 -6.32
CA GLN A 289 -0.92 -3.10 -7.75
C GLN A 289 -2.31 -2.90 -8.35
N ALA A 290 -3.35 -3.17 -7.56
CA ALA A 290 -4.72 -3.17 -8.06
C ALA A 290 -5.65 -2.62 -7.00
N ILE A 291 -6.66 -1.88 -7.46
CA ILE A 291 -7.64 -1.22 -6.62
C ILE A 291 -9.02 -1.71 -7.05
N GLY A 292 -9.81 -2.15 -6.09
CA GLY A 292 -11.11 -2.69 -6.39
C GLY A 292 -12.23 -1.69 -6.29
N ARG A 293 -13.29 -1.96 -7.05
CA ARG A 293 -14.50 -1.15 -7.06
C ARG A 293 -15.64 -2.09 -7.41
N ILE A 294 -16.88 -1.63 -7.13
CA ILE A 294 -18.09 -2.34 -7.50
C ILE A 294 -18.92 -1.40 -8.36
N ALA A 295 -19.42 -1.91 -9.49
CA ALA A 295 -20.24 -1.10 -10.38
C ALA A 295 -21.54 -0.72 -9.67
N ALA A 296 -21.80 0.59 -9.58
CA ALA A 296 -23.01 1.07 -8.91
C ALA A 296 -24.21 1.08 -9.84
N GLU A 297 -23.99 1.23 -11.15
CA GLU A 297 -25.03 1.09 -12.15
C GLU A 297 -24.39 0.45 -13.38
N ASP A 298 -25.22 0.13 -14.37
CA ASP A 298 -24.68 -0.35 -15.64
C ASP A 298 -23.80 0.73 -16.25
N VAL A 299 -22.62 0.33 -16.72
CA VAL A 299 -21.68 1.28 -17.31
C VAL A 299 -21.11 0.65 -18.59
N GLU A 300 -21.19 1.39 -19.69
CA GLU A 300 -20.55 1.02 -20.94
C GLU A 300 -19.21 1.75 -21.04
N LEU A 301 -18.11 1.00 -20.94
CA LEU A 301 -16.79 1.58 -21.10
C LEU A 301 -16.44 1.61 -22.59
N GLY A 302 -15.98 0.50 -23.15
CA GLY A 302 -15.79 0.45 -24.58
C GLY A 302 -16.97 -0.16 -25.29
N GLU A 303 -16.72 -1.24 -26.04
CA GLU A 303 -17.77 -2.21 -26.33
C GLU A 303 -18.18 -2.94 -25.07
N CYS A 304 -17.34 -2.92 -24.04
CA CYS A 304 -17.56 -3.70 -22.82
C CYS A 304 -18.66 -3.07 -21.99
N LYS A 305 -19.68 -3.86 -21.68
CA LYS A 305 -20.84 -3.41 -20.92
C LYS A 305 -20.71 -3.99 -19.52
N ILE A 306 -20.43 -3.13 -18.55
CA ILE A 306 -20.33 -3.53 -17.15
C ILE A 306 -21.71 -3.42 -16.54
N LYS A 307 -22.17 -4.51 -15.93
CA LYS A 307 -23.49 -4.55 -15.33
C LYS A 307 -23.39 -4.19 -13.86
N ARG A 308 -24.35 -3.39 -13.40
CA ARG A 308 -24.46 -2.99 -12.00
C ARG A 308 -24.10 -4.14 -11.07
N GLY A 309 -23.28 -3.85 -10.07
CA GLY A 309 -22.95 -4.81 -9.05
C GLY A 309 -21.77 -5.71 -9.35
N GLN A 310 -21.18 -5.59 -10.54
CA GLN A 310 -20.04 -6.41 -10.89
C GLN A 310 -18.74 -5.82 -10.36
N GLN A 311 -17.81 -6.71 -9.99
CA GLN A 311 -16.51 -6.29 -9.50
C GLN A 311 -15.66 -5.75 -10.65
N VAL A 312 -14.94 -4.67 -10.36
CA VAL A 312 -14.10 -3.97 -11.34
C VAL A 312 -12.76 -3.74 -10.68
N ILE A 313 -11.72 -4.39 -11.20
CA ILE A 313 -10.37 -4.34 -10.65
C ILE A 313 -9.52 -3.48 -11.57
N SER A 314 -9.02 -2.36 -11.04
CA SER A 314 -8.21 -1.41 -11.80
C SER A 314 -6.74 -1.65 -11.48
N TRP A 315 -5.95 -1.92 -12.50
CA TRP A 315 -4.54 -2.31 -12.31
C TRP A 315 -3.65 -1.09 -12.41
N ALA A 316 -3.33 -0.50 -11.25
CA ALA A 316 -2.37 0.60 -11.21
C ALA A 316 -1.01 0.19 -11.76
N ALA A 317 -0.61 -1.06 -11.52
CA ALA A 317 0.70 -1.50 -11.98
C ALA A 317 0.81 -1.41 -13.49
N SER A 318 -0.30 -1.70 -14.20
CA SER A 318 -0.35 -1.62 -15.65
C SER A 318 -0.55 -0.18 -16.12
N ALA A 319 -1.39 0.57 -15.42
CA ALA A 319 -1.63 1.96 -15.82
C ALA A 319 -0.33 2.75 -15.73
N ASN A 320 0.52 2.43 -14.74
CA ASN A 320 1.77 3.15 -14.53
C ASN A 320 2.78 2.93 -15.64
N ARG A 321 2.56 1.91 -16.48
CA ARG A 321 3.43 1.60 -17.61
C ARG A 321 2.68 1.68 -18.94
N ASP A 322 1.54 2.34 -18.97
CA ASP A 322 0.77 2.51 -20.20
C ASP A 322 1.51 3.50 -21.09
N SER A 323 2.00 3.04 -22.23
CA SER A 323 2.87 3.90 -23.04
C SER A 323 2.12 5.10 -23.61
N ALA A 324 0.79 5.08 -23.58
CA ALA A 324 0.01 6.23 -24.03
C ALA A 324 0.14 7.41 -23.08
N LYS A 325 0.62 7.19 -21.86
CA LYS A 325 0.75 8.22 -20.85
C LYS A 325 2.19 8.43 -20.38
N PHE A 326 3.04 7.42 -20.45
CA PHE A 326 4.39 7.52 -19.92
C PHE A 326 5.41 7.29 -21.01
N GLU A 327 6.36 8.21 -21.16
CA GLU A 327 7.56 7.93 -21.94
C GLU A 327 8.37 6.87 -21.21
N TRP A 328 9.08 6.04 -21.96
CA TRP A 328 9.95 5.03 -21.39
C TRP A 328 9.23 4.25 -20.28
N PRO A 329 8.06 3.69 -20.57
CA PRO A 329 7.24 3.12 -19.47
C PRO A 329 7.91 2.03 -18.69
N ASP A 330 8.78 1.23 -19.32
CA ASP A 330 9.41 0.10 -18.65
C ASP A 330 10.86 0.36 -18.32
N THR A 331 11.25 1.64 -18.20
CA THR A 331 12.59 2.03 -17.82
C THR A 331 12.54 2.91 -16.56
N PHE A 332 13.46 2.65 -15.64
CA PHE A 332 13.50 3.38 -14.37
C PHE A 332 14.24 4.71 -14.55
N VAL A 333 13.50 5.81 -14.56
CA VAL A 333 14.04 7.13 -14.90
C VAL A 333 13.91 8.02 -13.67
N VAL A 334 15.04 8.57 -13.21
CA VAL A 334 15.07 9.45 -12.05
C VAL A 334 15.08 10.93 -12.45
N HIS A 335 14.85 11.23 -13.72
CA HIS A 335 14.88 12.61 -14.19
C HIS A 335 13.60 12.98 -14.90
N ARG A 336 12.49 12.34 -14.57
CA ARG A 336 11.22 12.66 -15.20
C ARG A 336 10.71 14.00 -14.70
N LYS A 337 10.24 14.83 -15.63
CA LYS A 337 9.72 16.15 -15.24
C LYS A 337 8.34 16.05 -14.60
N THR A 338 7.54 15.06 -14.98
CA THR A 338 6.32 14.73 -14.24
C THR A 338 6.21 13.22 -14.10
N ASN A 339 5.47 12.80 -13.09
CA ASN A 339 5.27 11.36 -12.83
C ASN A 339 3.87 11.13 -12.30
N PRO A 340 2.85 11.18 -13.19
CA PRO A 340 1.44 11.06 -12.77
C PRO A 340 0.98 9.62 -12.59
N HIS A 341 1.73 8.85 -11.82
CA HIS A 341 1.33 7.49 -11.53
C HIS A 341 0.03 7.48 -10.72
N VAL A 342 -0.55 6.30 -10.61
CA VAL A 342 -1.76 6.15 -9.81
C VAL A 342 -1.51 5.20 -8.65
N SER A 343 -0.27 5.17 -8.17
CA SER A 343 0.08 4.27 -7.06
C SER A 343 -0.54 4.69 -5.73
N PHE A 344 -1.00 5.93 -5.62
CA PHE A 344 -1.77 6.37 -4.47
C PHE A 344 -3.26 6.47 -4.78
N GLY A 345 -3.69 5.93 -5.93
CA GLY A 345 -5.08 6.10 -6.34
C GLY A 345 -5.31 7.45 -6.99
N PHE A 346 -6.58 7.82 -7.07
CA PHE A 346 -6.96 9.09 -7.68
C PHE A 346 -8.38 9.44 -7.25
N GLY A 347 -8.59 10.72 -6.95
CA GLY A 347 -9.91 11.21 -6.61
C GLY A 347 -10.17 11.23 -5.13
N ILE A 348 -11.43 11.03 -4.75
CA ILE A 348 -11.83 11.28 -3.37
C ILE A 348 -11.20 10.30 -2.39
N HIS A 349 -10.78 9.11 -2.84
CA HIS A 349 -10.12 8.16 -1.95
C HIS A 349 -8.59 8.23 -2.03
N PHE A 350 -8.06 9.21 -2.77
CA PHE A 350 -6.61 9.36 -2.91
C PHE A 350 -5.92 9.23 -1.55
N CYS A 351 -4.85 8.47 -1.53
CA CYS A 351 -4.14 8.09 -0.33
C CYS A 351 -3.98 9.22 0.68
N LEU A 352 -4.54 9.04 1.86
CA LEU A 352 -4.44 10.08 2.89
C LEU A 352 -3.02 10.22 3.41
N GLY A 353 -2.25 9.16 3.36
CA GLY A 353 -0.91 9.17 3.87
C GLY A 353 0.19 9.46 2.88
N ALA A 354 -0.14 9.93 1.68
CA ALA A 354 0.89 10.07 0.65
C ALA A 354 1.97 11.03 1.07
N PRO A 355 1.69 12.17 1.73
CA PRO A 355 2.82 13.01 2.20
C PRO A 355 3.68 12.30 3.23
N LEU A 356 3.08 11.52 4.11
CA LEU A 356 3.87 10.78 5.08
C LEU A 356 4.70 9.68 4.43
N ALA A 357 4.08 8.90 3.54
CA ALA A 357 4.83 7.88 2.83
C ALA A 357 6.00 8.48 2.07
N ARG A 358 5.79 9.62 1.43
CA ARG A 358 6.83 10.26 0.64
C ARG A 358 7.97 10.76 1.51
N MET A 359 7.63 11.29 2.69
CA MET A 359 8.67 11.68 3.66
C MET A 359 9.45 10.48 4.17
N GLU A 360 8.74 9.41 4.55
CA GLU A 360 9.44 8.21 5.06
C GLU A 360 10.33 7.61 4.00
N GLY A 361 9.84 7.49 2.76
CA GLY A 361 10.68 7.00 1.69
C GLY A 361 11.88 7.89 1.44
N LYS A 362 11.65 9.20 1.40
CA LYS A 362 12.76 10.13 1.16
C LYS A 362 13.84 9.98 2.23
N ILE A 363 13.44 9.94 3.50
CA ILE A 363 14.43 9.79 4.57
C ILE A 363 15.07 8.40 4.54
N ALA A 364 14.27 7.35 4.35
CA ALA A 364 14.84 6.00 4.33
C ALA A 364 15.90 5.88 3.23
N PHE A 365 15.59 6.34 2.01
CA PHE A 365 16.57 6.21 0.95
C PHE A 365 17.79 7.09 1.22
N THR A 366 17.57 8.30 1.74
CA THR A 366 18.70 9.21 1.96
C THR A 366 19.67 8.65 2.98
N LYS A 367 19.15 8.11 4.09
CA LYS A 367 20.02 7.54 5.11
C LYS A 367 20.78 6.33 4.57
N LEU A 368 20.12 5.48 3.78
CA LEU A 368 20.82 4.35 3.18
C LEU A 368 21.93 4.83 2.25
N LEU A 369 21.60 5.75 1.37
CA LEU A 369 22.57 6.24 0.39
C LEU A 369 23.76 6.91 1.07
N GLU A 370 23.49 7.69 2.12
CA GLU A 370 24.56 8.42 2.81
C GLU A 370 25.47 7.49 3.58
N LYS A 371 24.99 6.32 3.97
CA LYS A 371 25.83 5.34 4.65
C LYS A 371 26.78 4.63 3.69
N GLY A 372 26.60 4.77 2.39
CA GLY A 372 27.57 4.30 1.41
C GLY A 372 26.95 3.38 0.38
N GLY A 373 27.78 2.99 -0.58
CA GLY A 373 27.34 2.02 -1.57
C GLY A 373 26.92 0.71 -0.93
N PHE A 374 25.93 0.07 -1.53
CA PHE A 374 25.46 -1.21 -1.02
C PHE A 374 25.06 -2.12 -2.17
N SER A 375 25.10 -3.43 -1.92
CA SER A 375 24.86 -4.43 -2.95
C SER A 375 23.90 -5.48 -2.42
N LYS A 376 23.20 -6.14 -3.35
CA LYS A 376 22.33 -7.24 -2.96
C LYS A 376 23.17 -8.47 -2.66
N VAL A 377 22.78 -9.23 -1.64
CA VAL A 377 23.37 -10.54 -1.39
C VAL A 377 22.94 -11.44 -2.55
N GLN A 378 23.89 -11.88 -3.36
CA GLN A 378 23.54 -12.72 -4.50
C GLN A 378 23.26 -14.14 -4.00
N ASN A 379 22.52 -14.89 -4.82
CA ASN A 379 22.15 -16.27 -4.49
C ASN A 379 21.15 -16.30 -3.33
N GLN A 380 20.12 -15.44 -3.39
CA GLN A 380 18.98 -15.54 -2.50
C GLN A 380 17.73 -15.86 -3.32
N SER A 381 16.83 -16.61 -2.70
CA SER A 381 15.56 -17.01 -3.30
C SER A 381 14.48 -16.07 -2.78
N LEU A 382 14.15 -15.04 -3.55
CA LEU A 382 13.18 -14.06 -3.10
C LEU A 382 11.80 -14.70 -2.95
N LYS A 383 11.05 -14.26 -1.95
CA LYS A 383 9.71 -14.79 -1.69
C LYS A 383 8.70 -13.67 -1.84
N PRO A 384 7.86 -13.67 -2.86
CA PRO A 384 6.87 -12.60 -2.98
C PRO A 384 5.85 -12.65 -1.85
N ILE A 385 5.37 -11.48 -1.45
CA ILE A 385 4.28 -11.44 -0.47
C ILE A 385 3.06 -12.09 -1.10
N ASP A 386 2.37 -12.93 -0.34
CA ASP A 386 1.28 -13.74 -0.88
C ASP A 386 -0.03 -12.94 -0.89
N SER A 387 -0.09 -12.02 -1.83
CA SER A 387 -1.29 -11.25 -2.08
C SER A 387 -1.17 -10.69 -3.49
N PRO A 388 -2.16 -10.92 -4.36
CA PRO A 388 -2.01 -10.49 -5.77
C PRO A 388 -2.16 -8.99 -5.97
N PHE A 389 -2.75 -8.24 -5.03
CA PHE A 389 -2.85 -6.79 -5.15
C PHE A 389 -1.68 -6.06 -4.50
N VAL A 390 -0.72 -6.78 -3.95
CA VAL A 390 0.49 -6.23 -3.34
C VAL A 390 1.68 -6.62 -4.18
N PHE A 391 2.71 -5.77 -4.18
CA PHE A 391 3.98 -6.09 -4.82
C PHE A 391 5.13 -5.79 -3.87
N GLY A 392 5.77 -6.83 -3.39
CA GLY A 392 6.94 -6.71 -2.54
C GLY A 392 7.39 -8.09 -2.21
N VAL A 393 8.51 -8.16 -1.48
CA VAL A 393 9.10 -9.43 -1.06
C VAL A 393 9.16 -9.49 0.46
N LYS A 394 9.12 -10.71 0.98
CA LYS A 394 9.11 -10.89 2.44
C LYS A 394 10.44 -10.54 3.07
N LYS A 395 11.54 -10.66 2.33
CA LYS A 395 12.88 -10.48 2.86
C LYS A 395 13.77 -10.07 1.70
N TYR A 396 14.79 -9.25 2.00
CA TYR A 396 15.69 -8.79 0.96
C TYR A 396 17.00 -8.39 1.60
N GLU A 397 18.03 -9.20 1.40
CA GLU A 397 19.30 -9.02 2.09
C GLU A 397 20.25 -8.18 1.24
N ILE A 398 20.89 -7.22 1.89
CA ILE A 398 21.91 -6.39 1.27
C ILE A 398 23.10 -6.30 2.22
N ALA A 399 24.17 -5.69 1.74
CA ALA A 399 25.36 -5.45 2.53
C ALA A 399 26.03 -4.17 2.01
N PHE A 400 26.59 -3.40 2.93
CA PHE A 400 27.39 -2.23 2.56
C PHE A 400 28.79 -2.62 2.13
N ASN A 401 29.26 -1.96 1.08
CA ASN A 401 30.54 -2.29 0.47
C ASN A 401 31.72 -2.04 1.41
FE HEB B . -2.56 4.95 1.45
CHA HEB B . -5.82 5.08 0.44
CHB HEB B . -1.71 3.32 -1.41
CHC HEB B . 0.76 4.80 2.49
CHD HEB B . -3.48 5.75 4.65
NA HEB B . -3.58 4.28 -0.14
C1A HEB B . -4.90 4.53 -0.45
C2A HEB B . -5.19 4.13 -1.84
C3A HEB B . -4.03 3.68 -2.33
C4A HEB B . -3.03 3.74 -1.26
CMA HEB B . -3.81 3.10 -3.74
CAA HEB B . -6.54 4.29 -2.60
CBA HEB B . -7.44 3.06 -2.56
CGA HEB B . -8.80 3.33 -3.20
O1A HEB B . -8.91 4.17 -4.11
O2A HEB B . -9.79 2.67 -2.78
NB HEB B . -0.81 4.14 0.72
C1B HEB B . -0.66 3.57 -0.53
C2B HEB B . 0.75 3.36 -0.79
C3B HEB B . 1.41 3.78 0.28
C4B HEB B . 0.44 4.32 1.22
CMB HEB B . 1.35 2.75 -2.08
CAB HEB B . 2.91 3.80 0.56
CBB HEB B . 3.79 3.95 -0.41
NC HEB B . -1.56 5.12 3.21
C1C HEB B . -0.19 5.22 3.40
C2C HEB B . 0.11 5.74 4.72
C3C HEB B . -1.07 6.00 5.31
C4C HEB B . -2.12 5.64 4.38
CMC HEB B . 1.55 5.98 5.27
CAC HEB B . -1.38 6.62 6.70
CBC HEB B . -0.41 7.14 7.45
ND HEB B . -4.35 5.36 2.36
C1D HEB B . -4.50 5.61 3.70
C2D HEB B . -5.93 5.72 3.95
C3D HEB B . -6.58 5.53 2.80
C4D HEB B . -5.59 5.29 1.79
CMD HEB B . -6.55 5.98 5.35
CAD HEB B . -8.10 5.58 2.60
CBD HEB B . -8.51 6.99 2.08
CGD HEB B . -9.95 7.04 1.67
O1D HEB B . -10.51 8.17 1.53
O2D HEB B . -10.56 5.97 1.48
HHA HEB B . -6.70 5.33 0.09
HHB HEB B . -1.49 2.79 -2.21
HHC HEB B . 1.70 4.86 2.75
HHD HEB B . -3.74 5.95 5.57
HMA1 HEB B . -2.86 2.87 -3.87
HMA2 HEB B . -4.08 3.75 -4.42
HMA3 HEB B . -4.34 2.28 -3.86
HAA1 HEB B . -6.35 4.48 -3.53
HAA2 HEB B . -7.03 5.03 -2.22
HBA1 HEB B . -7.58 2.80 -1.64
HBA2 HEB B . -7.01 2.34 -3.05
HMB1 HEB B . 0.77 2.04 -2.41
HMB2 HEB B . 2.23 2.39 -1.88
HMB3 HEB B . 1.44 3.44 -2.75
HAB HEB B . 3.23 3.68 1.47
HBB1 HEB B . 4.74 3.97 -0.21
HBB2 HEB B . 3.49 4.07 -1.32
HMC1 HEB B . 2.17 5.39 4.81
HMC2 HEB B . 1.57 5.80 6.22
HMC3 HEB B . 1.81 6.91 5.11
HAC HEB B . -2.29 6.64 7.02
HBC1 HEB B . -0.62 7.52 8.31
HBC2 HEB B . 0.51 7.13 7.13
HMD1 HEB B . -7.52 6.06 5.26
HMD2 HEB B . -6.19 6.80 5.72
HMD3 HEB B . -6.34 5.22 5.94
HAD1 HEB B . -8.55 5.42 3.44
HAD2 HEB B . -8.37 4.92 1.95
HBD1 HEB B . -7.95 7.21 1.31
HBD2 HEB B . -8.36 7.64 2.79
CA 6NA C . -6.68 -2.18 -1.89
C 6NA C . -7.91 -2.72 -2.61
O 6NA C . -8.27 -3.87 -2.36
CB 6NA C . -6.34 -0.70 -2.09
CG 6NA C . -5.21 -0.26 -1.17
CD 6NA C . -5.66 0.57 0.02
C6 6NA C . -4.51 0.89 0.98
OXT 6NA C . -8.49 -1.94 -3.42
HAC1 6NA C . -5.92 -2.71 -2.16
HAC2 6NA C . -6.79 -2.35 -0.94
HBC1 6NA C . -7.12 -0.16 -1.93
HBC2 6NA C . -6.10 -0.53 -3.01
HGC1 6NA C . -4.56 0.24 -1.67
HGC2 6NA C . -4.74 -1.05 -0.84
HDC1 6NA C . -6.35 0.09 0.50
HDC2 6NA C . -6.07 1.39 -0.29
H6C1 6NA C . -4.84 1.29 1.80
H6C2 6NA C . -3.89 1.52 0.57
H6C3 6NA C . -4.01 0.09 1.22
C1 OCA D . -9.38 -5.83 6.99
C2 OCA D . -8.72 -4.44 7.16
C3 OCA D . -8.76 -3.50 5.96
C4 OCA D . -7.66 -2.44 6.00
C5 OCA D . -6.49 -2.72 5.07
C6 OCA D . -6.69 -2.26 3.63
C7 OCA D . -5.54 -2.61 2.69
C8 OCA D . -4.22 -2.00 3.09
O1 OCA D . -10.30 -6.17 7.75
O2 OCA D . -8.92 -6.53 6.05
H21 OCA D . -7.80 -4.57 7.43
H22 OCA D . -9.14 -4.01 7.92
H31 OCA D . -9.62 -3.06 5.92
H32 OCA D . -8.68 -4.01 5.14
H41 OCA D . -7.33 -2.36 6.91
H42 OCA D . -8.05 -1.58 5.78
H51 OCA D . -6.31 -3.67 5.07
H52 OCA D . -5.71 -2.29 5.43
H61 OCA D . -6.82 -1.30 3.62
H62 OCA D . -7.50 -2.64 3.28
H71 OCA D . -5.77 -2.32 1.80
H72 OCA D . -5.45 -3.58 2.65
H81 OCA D . -4.34 -1.20 3.61
H82 OCA D . -3.69 -1.77 2.30
H83 OCA D . -3.69 -2.63 3.61
S SO4 E . -8.94 15.85 1.11
O1 SO4 E . -7.67 15.33 1.62
O2 SO4 E . -10.06 15.22 1.82
O3 SO4 E . -8.98 17.26 1.32
O4 SO4 E . -9.03 15.54 -0.32
S SO4 F . 10.90 -5.77 17.95
O1 SO4 F . 11.89 -6.19 18.95
O2 SO4 F . 9.91 -6.82 17.76
O3 SO4 F . 11.57 -5.55 16.69
O4 SO4 F . 10.23 -4.56 18.41
S SO4 G . 31.02 8.13 -4.19
O1 SO4 G . 31.15 6.91 -4.97
O2 SO4 G . 32.14 8.23 -3.26
O3 SO4 G . 29.77 8.10 -3.47
O4 SO4 G . 31.03 9.28 -5.09
S SO4 H . -2.67 22.68 6.17
O1 SO4 H . -2.24 21.51 6.99
O2 SO4 H . -2.79 23.84 7.04
O3 SO4 H . -1.65 22.91 5.12
O4 SO4 H . -3.96 22.40 5.54
S SO4 I . 0.60 0.30 -24.66
O1 SO4 I . 1.19 -0.55 -25.70
O2 SO4 I . 1.51 0.46 -23.53
O3 SO4 I . 0.31 1.61 -25.20
O4 SO4 I . -0.67 -0.26 -24.21
S SO4 J . 31.55 4.42 -10.58
O1 SO4 J . 31.93 3.94 -9.27
O2 SO4 J . 31.91 3.42 -11.57
O3 SO4 J . 32.26 5.65 -10.88
O4 SO4 J . 30.12 4.65 -10.64
#